data_4LN5
#
_entry.id   4LN5
#
_cell.length_a   96.098
_cell.length_b   97.340
_cell.length_c   58.115
_cell.angle_alpha   90.000
_cell.angle_beta   90.000
_cell.angle_gamma   90.000
#
_symmetry.space_group_name_H-M   'C 2 2 21'
#
loop_
_entity.id
_entity.type
_entity.pdbx_description
1 polymer 'TRAP dicarboxylate transporter, DctP subunit'
2 non-polymer 'CHLORIDE ION'
3 non-polymer GLYCEROL
4 water water
#
_entity_poly.entity_id   1
_entity_poly.type   'polypeptide(L)'
_entity_poly.pdbx_seq_one_letter_code
;MTHRFPRSRTALAVALMAGFAMSAQARVFRSADVHGDSFPTNMAVKFMGDELSKLTGGKDSIKVFGNSALGSEKDTVDQV
RIGAIDMARVNGASFNEIVPESLIPSFPFLFRDVDHFRKAMYGPAGQKILDAFAAKGMIALTFYESGARSIYAKRPVRTP
ADMKGLKVRVQPSDLMVDEIRAMGGTPTPMPFAEVYTGLKTGLVDAAENNLPSYEETKHFEVAPDYSETQHAMTPEVLVF
SKKIWDTLSPQEQAAIRKAAADSVPYYQKLWTAREASAQQAVTKGGANILPAAQVDRAAFVKAMQPLWTKYEKTPQMKQI
VDEIEATKAENLYFQGHHHHHHHHHH
;
_entity_poly.pdbx_strand_id   A
#
loop_
_chem_comp.id
_chem_comp.type
_chem_comp.name
_chem_comp.formula
CL non-polymer 'CHLORIDE ION' 'Cl -1'
GOL non-polymer GLYCEROL 'C3 H8 O3'
#
# COMPACT_ATOMS: atom_id res chain seq x y z
N ARG A 27 -27.73 -1.98 6.29
CA ARG A 27 -26.86 -2.98 6.90
C ARG A 27 -25.50 -2.42 7.34
N VAL A 28 -24.82 -3.17 8.19
CA VAL A 28 -23.44 -2.85 8.57
C VAL A 28 -22.53 -3.60 7.61
N PHE A 29 -21.74 -2.88 6.84
CA PHE A 29 -20.74 -3.54 5.99
C PHE A 29 -19.48 -3.80 6.82
N ARG A 30 -18.88 -4.98 6.67
CA ARG A 30 -17.67 -5.32 7.43
C ARG A 30 -16.42 -5.13 6.58
N SER A 31 -15.42 -4.45 7.14
CA SER A 31 -14.20 -4.13 6.41
C SER A 31 -12.93 -4.45 7.22
N ALA A 32 -11.90 -4.90 6.53
CA ALA A 32 -10.67 -5.34 7.17
C ALA A 32 -9.57 -4.32 7.02
N ASP A 33 -8.68 -4.24 8.01
CA ASP A 33 -7.44 -3.46 7.87
C ASP A 33 -6.34 -4.03 8.79
N VAL A 34 -5.10 -4.03 8.33
CA VAL A 34 -3.99 -4.45 9.21
C VAL A 34 -3.61 -3.41 10.27
N HIS A 35 -3.91 -2.13 10.03
CA HIS A 35 -3.52 -1.11 10.99
C HIS A 35 -4.49 -0.98 12.17
N GLY A 36 -4.08 -0.22 13.18
CA GLY A 36 -4.90 0.03 14.36
C GLY A 36 -5.95 1.11 14.13
N ASP A 37 -6.87 1.24 15.09
CA ASP A 37 -8.06 2.07 14.97
C ASP A 37 -7.81 3.55 14.69
N SER A 38 -6.68 4.09 15.12
CA SER A 38 -6.40 5.52 14.92
C SER A 38 -5.52 5.79 13.70
N PHE A 39 -5.15 4.75 12.96
CA PHE A 39 -4.31 4.93 11.78
C PHE A 39 -5.12 5.58 10.66
N PRO A 40 -4.46 6.37 9.79
CA PRO A 40 -5.21 7.11 8.77
C PRO A 40 -6.12 6.26 7.85
N THR A 41 -5.72 5.04 7.51
CA THR A 41 -6.55 4.21 6.66
C THR A 41 -7.86 3.83 7.37
N ASN A 42 -7.74 3.36 8.60
CA ASN A 42 -8.93 3.01 9.38
C ASN A 42 -9.88 4.20 9.55
N MET A 43 -9.30 5.35 9.90
CA MET A 43 -10.08 6.57 10.06
C MET A 43 -10.80 6.93 8.77
N ALA A 44 -10.11 6.80 7.64
CA ALA A 44 -10.70 7.16 6.35
C ALA A 44 -11.92 6.30 6.03
N VAL A 45 -11.79 4.99 6.24
CA VAL A 45 -12.91 4.09 6.01
C VAL A 45 -14.03 4.30 7.03
N LYS A 46 -13.67 4.58 8.27
CA LYS A 46 -14.67 4.95 9.27
C LYS A 46 -15.36 6.25 8.86
N PHE A 47 -14.59 7.23 8.35
CA PHE A 47 -15.18 8.46 7.83
C PHE A 47 -16.15 8.14 6.68
N MET A 48 -15.75 7.23 5.80
CA MET A 48 -16.60 6.76 4.70
C MET A 48 -17.90 6.17 5.25
N GLY A 49 -17.76 5.35 6.29
CA GLY A 49 -18.90 4.78 7.00
C GLY A 49 -19.90 5.81 7.51
N ASP A 50 -19.41 6.89 8.13
CA ASP A 50 -20.28 7.96 8.64
C ASP A 50 -21.02 8.65 7.50
N GLU A 51 -20.33 8.85 6.38
CA GLU A 51 -20.92 9.48 5.20
C GLU A 51 -22.04 8.63 4.63
N LEU A 52 -21.81 7.33 4.61
CA LEU A 52 -22.78 6.39 4.09
C LEU A 52 -24.04 6.39 4.94
N SER A 53 -23.85 6.52 6.26
CA SER A 53 -24.97 6.48 7.19
C SER A 53 -25.87 7.72 7.13
N LYS A 54 -25.36 8.83 6.61
CA LYS A 54 -26.19 10.00 6.39
C LYS A 54 -26.87 9.89 5.02
N LEU A 55 -26.07 9.63 3.99
CA LEU A 55 -26.58 9.47 2.62
C LEU A 55 -27.53 8.30 2.47
N THR A 56 -27.75 7.55 3.56
CA THR A 56 -28.77 6.50 3.59
C THR A 56 -29.67 6.70 4.81
N GLY A 57 -29.34 7.71 5.61
CA GLY A 57 -30.14 8.05 6.78
C GLY A 57 -30.09 7.01 7.89
N GLY A 58 -29.07 7.09 8.73
CA GLY A 58 -28.92 6.22 9.89
C GLY A 58 -28.70 4.73 9.61
N LYS A 59 -29.24 4.24 8.50
CA LYS A 59 -29.36 2.81 8.20
C LYS A 59 -28.03 2.07 8.06
N ASP A 60 -27.30 2.38 6.99
CA ASP A 60 -26.09 1.65 6.68
C ASP A 60 -24.86 2.19 7.37
N SER A 61 -23.85 1.35 7.49
CA SER A 61 -22.63 1.73 8.19
C SER A 61 -21.49 0.81 7.79
N ILE A 62 -20.30 1.12 8.27
CA ILE A 62 -19.14 0.26 8.06
C ILE A 62 -18.47 0.03 9.41
N LYS A 63 -18.23 -1.23 9.75
CA LYS A 63 -17.38 -1.54 10.90
C LYS A 63 -16.01 -1.96 10.39
N VAL A 64 -14.97 -1.33 10.93
CA VAL A 64 -13.61 -1.61 10.51
C VAL A 64 -12.92 -2.51 11.51
N PHE A 65 -12.61 -3.73 11.09
CA PHE A 65 -11.87 -4.67 11.92
C PHE A 65 -10.39 -4.45 11.73
N GLY A 66 -9.75 -3.79 12.70
CA GLY A 66 -8.36 -3.42 12.58
C GLY A 66 -7.42 -4.48 13.12
N ASN A 67 -6.13 -4.17 13.06
CA ASN A 67 -5.09 -5.00 13.66
C ASN A 67 -5.04 -6.42 13.11
N SER A 68 -5.35 -6.58 11.82
CA SER A 68 -5.34 -7.91 11.18
C SER A 68 -6.24 -8.95 11.86
N ALA A 69 -7.25 -8.48 12.57
CA ALA A 69 -8.22 -9.34 13.25
C ALA A 69 -8.84 -10.40 12.34
N LEU A 70 -9.06 -10.04 11.07
CA LEU A 70 -9.71 -10.93 10.10
C LEU A 70 -8.70 -11.74 9.29
N GLY A 71 -7.43 -11.52 9.54
CA GLY A 71 -6.38 -12.23 8.83
C GLY A 71 -5.37 -11.28 8.17
N SER A 72 -4.43 -11.87 7.43
CA SER A 72 -3.46 -11.08 6.67
C SER A 72 -4.15 -10.43 5.49
N GLU A 73 -3.46 -9.51 4.81
CA GLU A 73 -4.08 -8.82 3.68
C GLU A 73 -4.54 -9.81 2.62
N LYS A 74 -3.70 -10.79 2.29
CA LYS A 74 -4.04 -11.82 1.31
C LYS A 74 -5.23 -12.66 1.76
N ASP A 75 -5.28 -12.96 3.06
CA ASP A 75 -6.43 -13.63 3.65
C ASP A 75 -7.68 -12.83 3.35
N THR A 76 -7.62 -11.53 3.67
CA THR A 76 -8.80 -10.68 3.59
C THR A 76 -9.24 -10.42 2.14
N VAL A 77 -8.28 -10.43 1.21
CA VAL A 77 -8.61 -10.31 -0.22
C VAL A 77 -9.39 -11.54 -0.67
N ASP A 78 -8.95 -12.70 -0.22
CA ASP A 78 -9.62 -13.93 -0.62
C ASP A 78 -11.05 -13.92 -0.08
N GLN A 79 -11.23 -13.45 1.16
CA GLN A 79 -12.55 -13.35 1.77
C GLN A 79 -13.47 -12.37 1.02
N VAL A 80 -12.93 -11.25 0.58
CA VAL A 80 -13.73 -10.31 -0.20
C VAL A 80 -14.19 -10.99 -1.50
N ARG A 81 -13.27 -11.68 -2.16
CA ARG A 81 -13.56 -12.32 -3.45
C ARG A 81 -14.70 -13.33 -3.38
N ILE A 82 -14.77 -14.09 -2.30
CA ILE A 82 -15.84 -15.07 -2.11
C ILE A 82 -17.04 -14.50 -1.35
N GLY A 83 -16.92 -13.27 -0.85
CA GLY A 83 -18.05 -12.58 -0.26
C GLY A 83 -18.23 -12.89 1.22
N ALA A 84 -17.20 -13.47 1.84
CA ALA A 84 -17.25 -13.79 3.25
C ALA A 84 -17.16 -12.50 4.06
N ILE A 85 -16.49 -11.49 3.52
CA ILE A 85 -16.59 -10.15 4.09
C ILE A 85 -16.86 -9.15 2.98
N ASP A 86 -17.35 -7.98 3.37
CA ASP A 86 -17.80 -6.99 2.40
C ASP A 86 -16.67 -6.20 1.74
N MET A 87 -15.71 -5.74 2.54
CA MET A 87 -14.66 -4.87 2.01
C MET A 87 -13.36 -5.13 2.70
N ALA A 88 -12.26 -4.73 2.06
CA ALA A 88 -10.97 -4.64 2.71
C ALA A 88 -10.19 -3.44 2.19
N ARG A 89 -9.52 -2.75 3.12
CA ARG A 89 -8.54 -1.72 2.79
C ARG A 89 -7.16 -2.40 2.85
N VAL A 90 -6.57 -2.66 1.68
CA VAL A 90 -5.27 -3.33 1.65
C VAL A 90 -4.29 -2.58 0.74
N ASN A 91 -3.03 -3.03 0.76
CA ASN A 91 -2.00 -2.38 -0.01
C ASN A 91 -1.96 -3.01 -1.39
N GLY A 92 -1.66 -2.21 -2.42
CA GLY A 92 -1.69 -2.65 -3.80
C GLY A 92 -0.95 -3.96 -4.08
N ALA A 93 0.15 -4.17 -3.37
CA ALA A 93 0.98 -5.34 -3.62
C ALA A 93 0.27 -6.65 -3.26
N SER A 94 -0.74 -6.56 -2.41
CA SER A 94 -1.49 -7.74 -1.98
C SER A 94 -2.35 -8.36 -3.08
N PHE A 95 -2.45 -7.70 -4.23
CA PHE A 95 -3.19 -8.24 -5.37
C PHE A 95 -2.28 -8.71 -6.50
N ASN A 96 -0.96 -8.62 -6.30
CA ASN A 96 -0.03 -8.88 -7.39
C ASN A 96 -0.10 -10.30 -8.01
N GLU A 97 -0.65 -11.26 -7.28
CA GLU A 97 -0.80 -12.61 -7.84
C GLU A 97 -2.17 -12.79 -8.48
N ILE A 98 -3.03 -11.79 -8.33
CA ILE A 98 -4.42 -11.91 -8.72
C ILE A 98 -4.82 -10.96 -9.85
N VAL A 99 -4.51 -9.68 -9.68
CA VAL A 99 -4.84 -8.67 -10.66
C VAL A 99 -3.55 -8.15 -11.25
N PRO A 100 -3.23 -8.59 -12.48
CA PRO A 100 -1.97 -8.23 -13.12
C PRO A 100 -1.74 -6.72 -13.13
N GLU A 101 -2.80 -5.95 -13.35
CA GLU A 101 -2.65 -4.50 -13.41
C GLU A 101 -2.16 -3.89 -12.08
N SER A 102 -2.38 -4.60 -10.97
CA SER A 102 -1.97 -4.11 -9.66
C SER A 102 -0.44 -4.07 -9.50
N LEU A 103 0.26 -4.82 -10.34
CA LEU A 103 1.72 -4.79 -10.34
C LEU A 103 2.24 -3.37 -10.66
N ILE A 104 1.57 -2.74 -11.61
CA ILE A 104 2.05 -1.48 -12.21
C ILE A 104 2.40 -0.36 -11.20
N PRO A 105 1.46 0.04 -10.32
CA PRO A 105 1.78 1.14 -9.39
C PRO A 105 2.81 0.74 -8.33
N SER A 106 3.19 -0.52 -8.32
CA SER A 106 4.24 -1.00 -7.45
C SER A 106 5.58 -1.05 -8.17
N PHE A 107 5.60 -0.76 -9.46
CA PHE A 107 6.88 -0.72 -10.19
C PHE A 107 7.88 0.22 -9.53
N PRO A 108 9.14 -0.21 -9.42
CA PRO A 108 10.13 0.60 -8.72
C PRO A 108 10.48 1.86 -9.49
N PHE A 109 10.50 3.00 -8.79
CA PHE A 109 10.80 4.31 -9.37
C PHE A 109 9.91 4.70 -10.55
N LEU A 110 8.64 4.28 -10.49
CA LEU A 110 7.67 4.67 -11.50
C LEU A 110 7.17 6.11 -11.31
N PHE A 111 6.81 6.48 -10.09
CA PHE A 111 6.31 7.83 -9.82
C PHE A 111 7.45 8.77 -9.40
N ARG A 112 7.47 9.96 -10.00
CA ARG A 112 8.54 10.91 -9.74
C ARG A 112 8.44 11.53 -8.36
N ASP A 113 7.21 11.73 -7.90
CA ASP A 113 6.93 12.37 -6.63
C ASP A 113 5.45 12.25 -6.31
N VAL A 114 5.05 12.86 -5.19
CA VAL A 114 3.66 12.80 -4.74
C VAL A 114 2.69 13.39 -5.77
N ASP A 115 3.05 14.54 -6.36
CA ASP A 115 2.18 15.21 -7.33
C ASP A 115 1.94 14.32 -8.55
N HIS A 116 2.98 13.61 -8.98
CA HIS A 116 2.87 12.70 -10.11
C HIS A 116 1.92 11.56 -9.75
N PHE A 117 2.15 10.93 -8.60
CA PHE A 117 1.31 9.83 -8.13
C PHE A 117 -0.15 10.24 -8.18
N ARG A 118 -0.43 11.41 -7.61
CA ARG A 118 -1.79 11.92 -7.51
C ARG A 118 -2.42 12.16 -8.86
N LYS A 119 -1.70 12.88 -9.72
CA LYS A 119 -2.25 13.20 -11.02
C LYS A 119 -2.48 11.94 -11.84
N ALA A 120 -1.54 11.01 -11.79
CA ALA A 120 -1.67 9.76 -12.54
C ALA A 120 -2.76 8.83 -11.96
N MET A 121 -2.71 8.60 -10.66
CA MET A 121 -3.59 7.59 -10.05
C MET A 121 -5.04 8.03 -9.90
N TYR A 122 -5.28 9.33 -9.71
CA TYR A 122 -6.64 9.86 -9.71
C TYR A 122 -7.05 10.39 -11.08
N GLY A 123 -6.51 9.78 -12.14
CA GLY A 123 -6.85 10.15 -13.50
C GLY A 123 -7.25 8.91 -14.29
N PRO A 124 -7.35 9.05 -15.64
CA PRO A 124 -7.78 7.97 -16.53
C PRO A 124 -6.92 6.71 -16.44
N ALA A 125 -5.63 6.85 -16.16
CA ALA A 125 -4.75 5.67 -16.06
C ALA A 125 -5.02 4.89 -14.77
N GLY A 126 -5.21 5.61 -13.67
CA GLY A 126 -5.56 4.95 -12.41
C GLY A 126 -6.89 4.24 -12.50
N GLN A 127 -7.84 4.83 -13.25
CA GLN A 127 -9.15 4.21 -13.44
C GLN A 127 -9.04 2.88 -14.20
N LYS A 128 -8.15 2.80 -15.17
CA LYS A 128 -7.96 1.55 -15.91
C LYS A 128 -7.49 0.44 -14.95
N ILE A 129 -6.62 0.80 -14.02
CA ILE A 129 -6.18 -0.15 -13.00
C ILE A 129 -7.38 -0.58 -12.16
N LEU A 130 -8.15 0.38 -11.66
CA LEU A 130 -9.32 0.07 -10.85
C LEU A 130 -10.31 -0.83 -11.60
N ASP A 131 -10.52 -0.51 -12.88
CA ASP A 131 -11.44 -1.30 -13.72
C ASP A 131 -11.07 -2.78 -13.84
N ALA A 132 -9.78 -3.08 -13.81
CA ALA A 132 -9.24 -4.43 -13.88
C ALA A 132 -9.65 -5.38 -12.74
N PHE A 133 -10.02 -4.85 -11.59
CA PHE A 133 -10.36 -5.69 -10.43
C PHE A 133 -11.68 -6.46 -10.61
N ALA A 134 -12.58 -5.90 -11.41
CA ALA A 134 -13.92 -6.44 -11.55
C ALA A 134 -13.91 -7.88 -12.06
N ALA A 135 -13.05 -8.16 -13.03
CA ALA A 135 -12.92 -9.53 -13.55
C ALA A 135 -12.49 -10.54 -12.48
N LYS A 136 -11.98 -10.05 -11.36
CA LYS A 136 -11.46 -10.93 -10.32
C LYS A 136 -12.33 -10.92 -9.05
N GLY A 137 -13.58 -10.50 -9.18
CA GLY A 137 -14.53 -10.59 -8.08
C GLY A 137 -14.50 -9.41 -7.11
N MET A 138 -13.91 -8.29 -7.53
CA MET A 138 -13.74 -7.13 -6.66
C MET A 138 -14.10 -5.82 -7.34
N ILE A 139 -14.82 -4.95 -6.63
CA ILE A 139 -14.99 -3.56 -7.05
C ILE A 139 -13.95 -2.68 -6.34
N ALA A 140 -12.95 -2.21 -7.09
CA ALA A 140 -11.94 -1.33 -6.52
C ALA A 140 -12.47 0.09 -6.46
N LEU A 141 -12.83 0.53 -5.26
CA LEU A 141 -13.55 1.80 -5.11
C LEU A 141 -12.66 3.03 -5.27
N THR A 142 -11.44 2.95 -4.78
CA THR A 142 -10.56 4.11 -4.75
C THR A 142 -9.15 3.68 -4.34
N PHE A 143 -8.15 4.52 -4.66
CA PHE A 143 -6.81 4.38 -4.12
C PHE A 143 -6.67 5.38 -2.97
N TYR A 144 -5.79 5.07 -2.03
CA TYR A 144 -5.26 6.07 -1.11
C TYR A 144 -3.76 6.07 -1.28
N GLU A 145 -3.15 7.24 -1.17
N GLU A 145 -3.14 7.24 -1.18
CA GLU A 145 -1.70 7.37 -1.18
CA GLU A 145 -1.70 7.32 -1.28
C GLU A 145 -1.09 6.53 -0.07
C GLU A 145 -1.05 6.68 -0.05
N SER A 146 0.17 6.18 -0.22
CA SER A 146 0.87 5.48 0.85
C SER A 146 2.33 5.90 0.95
N GLY A 147 2.62 7.13 0.53
CA GLY A 147 3.97 7.65 0.54
C GLY A 147 4.91 6.83 -0.33
N ALA A 148 6.20 6.90 0.01
CA ALA A 148 7.21 6.07 -0.63
C ALA A 148 7.74 5.07 0.39
N ARG A 149 7.97 3.84 -0.07
CA ARG A 149 8.53 2.80 0.81
C ARG A 149 10.05 2.88 0.75
N SER A 150 10.70 2.70 1.89
CA SER A 150 12.16 2.79 1.97
C SER A 150 12.69 1.74 2.93
N ILE A 151 13.91 1.28 2.69
CA ILE A 151 14.56 0.28 3.54
C ILE A 151 14.80 0.80 4.96
N TYR A 152 14.56 -0.06 5.94
CA TYR A 152 15.08 0.18 7.28
C TYR A 152 15.71 -1.07 7.89
N ALA A 153 16.79 -0.87 8.63
CA ALA A 153 17.56 -1.98 9.14
C ALA A 153 18.40 -1.57 10.35
N LYS A 154 19.35 -2.43 10.74
CA LYS A 154 20.24 -2.16 11.86
C LYS A 154 21.48 -1.36 11.43
N ARG A 155 21.66 -1.19 10.12
CA ARG A 155 22.67 -0.29 9.58
C ARG A 155 22.07 0.57 8.45
N PRO A 156 22.74 1.69 8.09
CA PRO A 156 22.25 2.49 6.97
C PRO A 156 22.58 1.88 5.62
N VAL A 157 21.87 2.31 4.59
CA VAL A 157 22.02 1.75 3.25
C VAL A 157 22.07 2.87 2.22
N ARG A 158 23.21 3.02 1.56
CA ARG A 158 23.39 4.04 0.53
C ARG A 158 23.42 3.45 -0.87
N THR A 159 23.79 2.17 -0.94
CA THR A 159 24.16 1.59 -2.21
C THR A 159 23.78 0.12 -2.16
N PRO A 160 23.58 -0.51 -3.33
CA PRO A 160 23.23 -1.93 -3.35
C PRO A 160 24.21 -2.83 -2.60
N ALA A 161 25.50 -2.49 -2.60
CA ALA A 161 26.50 -3.22 -1.85
C ALA A 161 26.11 -3.33 -0.36
N ASP A 162 25.56 -2.24 0.18
CA ASP A 162 25.13 -2.20 1.58
C ASP A 162 24.00 -3.18 1.90
N MET A 163 23.22 -3.54 0.89
CA MET A 163 22.08 -4.47 1.06
C MET A 163 22.54 -5.92 1.27
N LYS A 164 23.67 -6.28 0.65
CA LYS A 164 24.20 -7.65 0.66
C LYS A 164 24.20 -8.31 2.05
N GLY A 165 23.44 -9.38 2.21
CA GLY A 165 23.43 -10.12 3.46
C GLY A 165 22.30 -9.75 4.41
N LEU A 166 21.62 -8.65 4.15
CA LEU A 166 20.47 -8.27 4.95
C LEU A 166 19.31 -9.23 4.68
N LYS A 167 18.70 -9.75 5.74
CA LYS A 167 17.47 -10.52 5.63
C LYS A 167 16.28 -9.57 5.70
N VAL A 168 15.74 -9.24 4.54
CA VAL A 168 14.75 -8.17 4.42
C VAL A 168 13.33 -8.71 4.25
N ARG A 169 12.47 -8.46 5.23
CA ARG A 169 11.05 -8.81 5.07
C ARG A 169 10.45 -8.02 3.91
N VAL A 170 9.69 -8.71 3.07
CA VAL A 170 8.85 -8.07 2.06
C VAL A 170 7.43 -8.63 2.16
N GLN A 171 6.50 -7.94 1.51
CA GLN A 171 5.14 -8.44 1.38
C GLN A 171 5.18 -9.70 0.52
N PRO A 172 4.21 -10.61 0.71
CA PRO A 172 4.13 -11.84 -0.10
C PRO A 172 3.75 -11.54 -1.54
N SER A 173 4.64 -10.87 -2.27
CA SER A 173 4.42 -10.54 -3.67
C SER A 173 5.67 -10.91 -4.44
N ASP A 174 5.52 -11.59 -5.58
CA ASP A 174 6.67 -11.96 -6.40
C ASP A 174 7.43 -10.73 -6.87
N LEU A 175 6.69 -9.66 -7.19
CA LEU A 175 7.34 -8.41 -7.62
C LEU A 175 8.19 -7.81 -6.51
N MET A 176 7.65 -7.79 -5.29
CA MET A 176 8.36 -7.19 -4.16
C MET A 176 9.58 -8.03 -3.78
N VAL A 177 9.43 -9.35 -3.87
CA VAL A 177 10.55 -10.27 -3.71
C VAL A 177 11.68 -9.90 -4.67
N ASP A 178 11.34 -9.81 -5.94
CA ASP A 178 12.32 -9.45 -6.97
C ASP A 178 12.92 -8.05 -6.74
N GLU A 179 12.13 -7.12 -6.22
CA GLU A 179 12.65 -5.76 -6.01
C GLU A 179 13.76 -5.77 -4.98
N ILE A 180 13.51 -6.43 -3.85
CA ILE A 180 14.50 -6.45 -2.79
C ILE A 180 15.75 -7.25 -3.22
N ARG A 181 15.56 -8.35 -3.98
CA ARG A 181 16.70 -9.05 -4.56
C ARG A 181 17.49 -8.14 -5.49
N ALA A 182 16.79 -7.42 -6.35
CA ALA A 182 17.44 -6.51 -7.28
C ALA A 182 18.23 -5.41 -6.56
N MET A 183 17.79 -5.07 -5.34
CA MET A 183 18.50 -4.10 -4.51
C MET A 183 19.72 -4.71 -3.84
N GLY A 184 19.72 -6.04 -3.74
CA GLY A 184 20.86 -6.74 -3.19
C GLY A 184 20.61 -7.46 -1.87
N GLY A 185 19.38 -7.41 -1.38
CA GLY A 185 19.06 -8.04 -0.12
C GLY A 185 18.52 -9.45 -0.28
N THR A 186 18.33 -10.14 0.84
CA THR A 186 17.66 -11.44 0.82
C THR A 186 16.23 -11.27 1.32
N PRO A 187 15.25 -11.35 0.40
CA PRO A 187 13.85 -11.10 0.76
C PRO A 187 13.18 -12.29 1.42
N THR A 188 12.28 -12.03 2.37
CA THR A 188 11.53 -13.09 3.04
C THR A 188 10.11 -12.59 3.25
N PRO A 189 9.11 -13.26 2.62
CA PRO A 189 7.73 -12.79 2.74
C PRO A 189 7.15 -13.07 4.11
N MET A 190 6.48 -12.08 4.68
CA MET A 190 5.82 -12.23 5.97
C MET A 190 4.60 -11.35 6.02
N PRO A 191 3.52 -11.81 6.70
CA PRO A 191 2.38 -10.95 6.97
C PRO A 191 2.82 -9.71 7.76
N PHE A 192 2.18 -8.58 7.49
CA PHE A 192 2.45 -7.31 8.15
C PHE A 192 2.48 -7.45 9.67
N ALA A 193 1.52 -8.18 10.24
CA ALA A 193 1.38 -8.29 11.69
C ALA A 193 2.57 -8.93 12.38
N GLU A 194 3.32 -9.73 11.63
CA GLU A 194 4.39 -10.57 12.21
C GLU A 194 5.76 -9.91 12.15
N VAL A 195 5.85 -8.77 11.45
CA VAL A 195 7.14 -8.15 11.18
C VAL A 195 7.88 -7.66 12.42
N TYR A 196 7.17 -7.03 13.36
CA TYR A 196 7.80 -6.54 14.59
C TYR A 196 8.51 -7.64 15.36
N THR A 197 7.82 -8.77 15.52
CA THR A 197 8.38 -9.95 16.19
C THR A 197 9.55 -10.52 15.41
N GLY A 198 9.39 -10.61 14.09
CA GLY A 198 10.43 -11.14 13.24
C GLY A 198 11.73 -10.38 13.39
N LEU A 199 11.62 -9.06 13.51
CA LEU A 199 12.77 -8.19 13.72
C LEU A 199 13.37 -8.41 15.12
N LYS A 200 12.49 -8.56 16.11
CA LYS A 200 12.95 -8.81 17.48
C LYS A 200 13.77 -10.09 17.54
N THR A 201 13.19 -11.19 17.06
CA THR A 201 13.78 -12.51 17.22
C THR A 201 14.95 -12.76 16.27
N GLY A 202 15.16 -11.85 15.32
CA GLY A 202 16.25 -11.96 14.38
C GLY A 202 16.00 -12.86 13.19
N LEU A 203 14.74 -13.27 12.99
CA LEU A 203 14.37 -13.99 11.76
C LEU A 203 14.69 -13.11 10.54
N VAL A 204 14.37 -11.83 10.67
CA VAL A 204 14.74 -10.82 9.69
C VAL A 204 15.45 -9.68 10.42
N ASP A 205 16.24 -8.91 9.70
CA ASP A 205 16.88 -7.75 10.33
C ASP A 205 16.62 -6.45 9.56
N ALA A 206 15.68 -6.50 8.62
CA ALA A 206 15.33 -5.34 7.82
C ALA A 206 13.96 -5.53 7.20
N ALA A 207 13.39 -4.43 6.73
CA ALA A 207 12.14 -4.47 5.98
C ALA A 207 12.06 -3.14 5.27
N GLU A 208 10.92 -2.85 4.66
CA GLU A 208 10.72 -1.55 4.03
C GLU A 208 9.27 -1.09 4.12
N ASN A 209 9.09 0.22 4.24
CA ASN A 209 7.75 0.80 4.34
C ASN A 209 7.83 2.32 4.37
N ASN A 210 6.67 2.97 4.45
CA ASN A 210 6.63 4.42 4.61
C ASN A 210 6.89 4.76 6.08
N LEU A 211 7.06 6.03 6.39
CA LEU A 211 7.33 6.45 7.76
C LEU A 211 6.20 6.17 8.75
N PRO A 212 4.94 6.50 8.40
CA PRO A 212 3.90 6.27 9.41
C PRO A 212 3.77 4.80 9.84
N SER A 213 4.01 3.87 8.90
CA SER A 213 3.97 2.45 9.23
C SER A 213 5.18 2.09 10.07
N TYR A 214 6.32 2.68 9.72
CA TYR A 214 7.57 2.48 10.44
C TYR A 214 7.40 2.86 11.92
N GLU A 215 6.66 3.95 12.15
CA GLU A 215 6.34 4.40 13.50
C GLU A 215 5.30 3.51 14.19
N GLU A 216 4.17 3.31 13.54
CA GLU A 216 3.03 2.65 14.18
C GLU A 216 3.35 1.26 14.73
N THR A 217 4.13 0.49 13.99
CA THR A 217 4.43 -0.90 14.33
C THR A 217 5.58 -1.00 15.33
N LYS A 218 6.22 0.14 15.60
CA LYS A 218 7.43 0.23 16.41
C LYS A 218 8.63 -0.52 15.79
N HIS A 219 8.59 -0.74 14.48
CA HIS A 219 9.75 -1.31 13.81
C HIS A 219 10.99 -0.44 14.06
N PHE A 220 10.78 0.87 14.24
CA PHE A 220 11.89 1.79 14.48
C PHE A 220 12.74 1.47 15.73
N GLU A 221 12.14 0.75 16.68
CA GLU A 221 12.83 0.44 17.93
C GLU A 221 13.80 -0.72 17.74
N VAL A 222 13.55 -1.56 16.75
CA VAL A 222 14.39 -2.71 16.47
C VAL A 222 15.25 -2.52 15.21
N ALA A 223 14.78 -1.69 14.28
CA ALA A 223 15.56 -1.33 13.09
C ALA A 223 15.70 0.19 12.95
N PRO A 224 16.59 0.78 13.74
CA PRO A 224 16.62 2.23 13.90
C PRO A 224 17.25 3.02 12.75
N ASP A 225 17.78 2.34 11.74
CA ASP A 225 18.30 3.04 10.56
C ASP A 225 17.34 3.03 9.37
N TYR A 226 16.74 4.18 9.10
CA TYR A 226 15.79 4.34 8.01
C TYR A 226 16.50 5.02 6.85
N SER A 227 16.71 4.29 5.75
CA SER A 227 17.39 4.85 4.59
C SER A 227 16.42 5.10 3.43
N GLU A 228 16.22 6.38 3.10
CA GLU A 228 15.23 6.78 2.10
C GLU A 228 15.58 6.34 0.67
N THR A 229 15.48 5.03 0.44
CA THR A 229 15.65 4.47 -0.88
C THR A 229 14.47 4.84 -1.77
N GLN A 230 13.31 5.04 -1.16
CA GLN A 230 12.10 5.44 -1.89
C GLN A 230 11.87 4.66 -3.18
N HIS A 231 12.00 3.34 -3.08
CA HIS A 231 12.01 2.49 -4.27
C HIS A 231 10.62 2.20 -4.82
N ALA A 232 9.59 2.34 -4.01
CA ALA A 232 8.22 2.18 -4.52
C ALA A 232 7.24 3.15 -3.88
N MET A 233 6.13 3.39 -4.57
CA MET A 233 5.04 4.24 -4.05
C MET A 233 3.70 3.56 -4.21
N THR A 234 3.68 2.26 -3.90
CA THR A 234 2.49 1.43 -3.96
C THR A 234 1.33 2.10 -3.25
N PRO A 235 0.15 2.15 -3.90
CA PRO A 235 -1.01 2.79 -3.29
C PRO A 235 -1.75 1.79 -2.40
N GLU A 236 -2.62 2.29 -1.53
CA GLU A 236 -3.58 1.42 -0.89
C GLU A 236 -4.72 1.30 -1.86
N VAL A 237 -5.46 0.20 -1.81
CA VAL A 237 -6.65 0.08 -2.62
C VAL A 237 -7.81 -0.30 -1.72
N LEU A 238 -8.96 0.31 -1.93
CA LEU A 238 -10.13 -0.08 -1.17
C LEU A 238 -11.05 -0.90 -2.07
N VAL A 239 -11.22 -2.18 -1.74
CA VAL A 239 -12.03 -3.08 -2.57
C VAL A 239 -13.32 -3.54 -1.89
N PHE A 240 -14.33 -3.79 -2.71
CA PHE A 240 -15.63 -4.23 -2.24
C PHE A 240 -15.95 -5.55 -2.94
N SER A 241 -16.58 -6.48 -2.24
CA SER A 241 -16.93 -7.77 -2.83
C SER A 241 -17.90 -7.63 -4.00
N LYS A 242 -17.52 -8.09 -5.19
CA LYS A 242 -18.42 -7.98 -6.35
C LYS A 242 -19.68 -8.84 -6.18
N LYS A 243 -19.52 -9.97 -5.50
CA LYS A 243 -20.63 -10.84 -5.22
C LYS A 243 -21.67 -10.12 -4.37
N ILE A 244 -21.23 -9.37 -3.36
CA ILE A 244 -22.15 -8.59 -2.54
C ILE A 244 -22.67 -7.36 -3.32
N TRP A 245 -21.74 -6.67 -3.99
CA TRP A 245 -22.03 -5.50 -4.82
C TRP A 245 -23.17 -5.76 -5.79
N ASP A 246 -23.09 -6.89 -6.48
CA ASP A 246 -24.06 -7.20 -7.51
C ASP A 246 -25.48 -7.42 -6.98
N THR A 247 -25.63 -7.60 -5.67
CA THR A 247 -26.97 -7.68 -5.08
C THR A 247 -27.52 -6.33 -4.66
N LEU A 248 -26.75 -5.26 -4.84
CA LEU A 248 -27.22 -3.92 -4.47
C LEU A 248 -27.82 -3.18 -5.68
N SER A 249 -28.64 -2.16 -5.39
CA SER A 249 -29.20 -1.30 -6.43
C SER A 249 -28.16 -0.31 -6.93
N PRO A 250 -28.38 0.26 -8.14
CA PRO A 250 -27.46 1.28 -8.64
C PRO A 250 -27.36 2.48 -7.71
N GLN A 251 -28.46 2.84 -7.04
CA GLN A 251 -28.47 3.97 -6.11
C GLN A 251 -27.56 3.71 -4.91
N GLU A 252 -27.63 2.50 -4.37
CA GLU A 252 -26.79 2.11 -3.24
C GLU A 252 -25.34 2.06 -3.67
N GLN A 253 -25.12 1.50 -4.86
CA GLN A 253 -23.77 1.41 -5.42
C GLN A 253 -23.17 2.82 -5.58
N ALA A 254 -23.94 3.73 -6.16
CA ALA A 254 -23.48 5.13 -6.30
C ALA A 254 -23.21 5.81 -4.96
N ALA A 255 -24.05 5.58 -3.95
CA ALA A 255 -23.81 6.13 -2.63
C ALA A 255 -22.48 5.62 -2.08
N ILE A 256 -22.20 4.34 -2.30
CA ILE A 256 -20.98 3.75 -1.80
C ILE A 256 -19.77 4.33 -2.52
N ARG A 257 -19.89 4.52 -3.84
CA ARG A 257 -18.79 5.11 -4.59
C ARG A 257 -18.56 6.54 -4.13
N LYS A 258 -19.66 7.23 -3.85
CA LYS A 258 -19.61 8.63 -3.45
C LYS A 258 -18.90 8.78 -2.10
N ALA A 259 -19.28 7.97 -1.11
CA ALA A 259 -18.67 8.02 0.21
C ALA A 259 -17.17 7.72 0.13
N ALA A 260 -16.82 6.71 -0.65
CA ALA A 260 -15.41 6.36 -0.89
C ALA A 260 -14.61 7.55 -1.46
N ALA A 261 -15.10 8.16 -2.55
CA ALA A 261 -14.43 9.32 -3.14
C ALA A 261 -14.28 10.45 -2.15
N ASP A 262 -15.33 10.72 -1.37
CA ASP A 262 -15.29 11.79 -0.38
C ASP A 262 -14.28 11.52 0.74
N SER A 263 -13.97 10.26 0.99
CA SER A 263 -13.01 9.95 2.05
C SER A 263 -11.55 10.26 1.69
N VAL A 264 -11.28 10.42 0.39
CA VAL A 264 -9.92 10.69 -0.07
C VAL A 264 -9.31 12.02 0.45
N PRO A 265 -10.03 13.17 0.29
CA PRO A 265 -9.42 14.40 0.80
C PRO A 265 -9.23 14.37 2.31
N TYR A 266 -10.16 13.72 3.01
CA TYR A 266 -10.05 13.54 4.44
C TYR A 266 -8.79 12.73 4.79
N TYR A 267 -8.60 11.61 4.10
CA TYR A 267 -7.41 10.80 4.26
C TYR A 267 -6.14 11.61 4.00
N GLN A 268 -6.16 12.41 2.94
CA GLN A 268 -5.00 13.19 2.51
C GLN A 268 -4.50 14.18 3.55
N LYS A 269 -5.44 14.88 4.17
CA LYS A 269 -5.13 15.77 5.29
C LYS A 269 -4.41 15.02 6.42
N LEU A 270 -4.93 13.85 6.83
CA LEU A 270 -4.30 13.04 7.89
C LEU A 270 -2.94 12.52 7.48
N TRP A 271 -2.85 12.06 6.24
CA TRP A 271 -1.65 11.38 5.77
C TRP A 271 -0.49 12.36 5.61
N THR A 272 -0.78 13.51 5.02
CA THR A 272 0.22 14.56 4.85
C THR A 272 0.80 14.96 6.21
N ALA A 273 -0.07 15.09 7.20
CA ALA A 273 0.39 15.41 8.54
C ALA A 273 1.16 14.25 9.18
N ARG A 274 0.66 13.03 8.99
CA ARG A 274 1.27 11.86 9.63
C ARG A 274 2.70 11.59 9.14
N GLU A 275 2.94 11.76 7.85
CA GLU A 275 4.29 11.59 7.30
C GLU A 275 5.30 12.48 8.05
N ALA A 276 4.88 13.70 8.34
CA ALA A 276 5.75 14.66 8.99
C ALA A 276 5.92 14.34 10.46
N SER A 277 4.81 14.08 11.14
CA SER A 277 4.86 13.79 12.56
C SER A 277 5.56 12.46 12.85
N ALA A 278 5.38 11.47 11.96
CA ALA A 278 6.03 10.16 12.16
C ALA A 278 7.55 10.29 12.11
N GLN A 279 8.04 11.17 11.24
CA GLN A 279 9.47 11.42 11.12
C GLN A 279 10.01 12.00 12.42
N GLN A 280 9.27 12.94 12.99
CA GLN A 280 9.65 13.54 14.28
C GLN A 280 9.61 12.51 15.40
N ALA A 281 8.54 11.72 15.45
CA ALA A 281 8.38 10.70 16.46
C ALA A 281 9.49 9.65 16.45
N VAL A 282 9.80 9.08 15.29
CA VAL A 282 10.81 8.03 15.24
C VAL A 282 12.21 8.57 15.56
N THR A 283 12.48 9.81 15.17
CA THR A 283 13.79 10.42 15.42
C THR A 283 14.00 10.65 16.92
N LYS A 284 12.95 11.12 17.57
CA LYS A 284 12.95 11.31 19.02
C LYS A 284 13.13 9.97 19.74
N GLY A 285 12.66 8.89 19.11
CA GLY A 285 12.76 7.57 19.68
C GLY A 285 14.00 6.81 19.28
N GLY A 286 15.01 7.53 18.80
CA GLY A 286 16.29 6.91 18.51
C GLY A 286 16.62 6.61 17.06
N ALA A 287 15.65 6.76 16.17
CA ALA A 287 15.88 6.38 14.77
C ALA A 287 16.70 7.42 14.01
N ASN A 288 17.47 6.95 13.03
CA ASN A 288 18.29 7.82 12.21
C ASN A 288 17.89 7.72 10.75
N ILE A 289 17.29 8.78 10.22
CA ILE A 289 16.90 8.79 8.82
C ILE A 289 17.99 9.31 7.91
N LEU A 290 18.41 8.46 6.96
CA LEU A 290 19.37 8.86 5.97
C LEU A 290 18.60 9.41 4.77
N PRO A 291 18.74 10.72 4.51
CA PRO A 291 17.96 11.45 3.50
C PRO A 291 18.17 10.91 2.10
N ALA A 292 17.14 11.01 1.27
CA ALA A 292 17.15 10.50 -0.11
C ALA A 292 18.36 10.91 -0.95
N ALA A 293 18.81 12.16 -0.79
CA ALA A 293 19.96 12.66 -1.54
C ALA A 293 21.26 11.93 -1.16
N GLN A 294 21.30 11.37 0.04
CA GLN A 294 22.47 10.67 0.51
C GLN A 294 22.57 9.26 -0.06
N VAL A 295 21.46 8.78 -0.63
CA VAL A 295 21.37 7.42 -1.16
C VAL A 295 21.65 7.43 -2.67
N ASP A 296 22.37 6.42 -3.14
CA ASP A 296 22.70 6.28 -4.56
C ASP A 296 21.50 5.83 -5.38
N ARG A 297 20.59 6.76 -5.66
CA ARG A 297 19.37 6.44 -6.39
C ARG A 297 19.66 5.83 -7.75
N ALA A 298 20.65 6.38 -8.44
CA ALA A 298 20.98 5.92 -9.80
C ALA A 298 21.33 4.43 -9.83
N ALA A 299 22.13 3.98 -8.87
CA ALA A 299 22.52 2.57 -8.77
C ALA A 299 21.32 1.67 -8.54
N PHE A 300 20.42 2.11 -7.66
CA PHE A 300 19.21 1.35 -7.40
C PHE A 300 18.28 1.34 -8.60
N VAL A 301 18.19 2.47 -9.29
CA VAL A 301 17.33 2.55 -10.48
C VAL A 301 17.84 1.62 -11.57
N LYS A 302 19.14 1.67 -11.85
CA LYS A 302 19.73 0.80 -12.86
C LYS A 302 19.46 -0.68 -12.58
N ALA A 303 19.60 -1.07 -11.32
CA ALA A 303 19.39 -2.46 -10.94
C ALA A 303 17.94 -2.88 -11.04
N MET A 304 17.03 -1.94 -10.80
CA MET A 304 15.61 -2.30 -10.66
C MET A 304 14.79 -2.13 -11.93
N GLN A 305 15.19 -1.21 -12.80
CA GLN A 305 14.50 -0.95 -14.06
C GLN A 305 14.19 -2.13 -14.97
N PRO A 306 15.10 -3.13 -15.06
CA PRO A 306 14.73 -4.32 -15.85
C PRO A 306 13.44 -4.99 -15.40
N LEU A 307 13.04 -4.82 -14.13
CA LEU A 307 11.83 -5.47 -13.62
C LEU A 307 10.53 -4.98 -14.27
N TRP A 308 10.53 -3.78 -14.86
CA TRP A 308 9.31 -3.29 -15.54
C TRP A 308 8.96 -4.20 -16.69
N THR A 309 9.92 -4.40 -17.57
CA THR A 309 9.74 -5.30 -18.69
C THR A 309 9.35 -6.70 -18.22
N LYS A 310 9.96 -7.16 -17.13
CA LYS A 310 9.66 -8.50 -16.64
C LYS A 310 8.19 -8.64 -16.26
N TYR A 311 7.62 -7.58 -15.71
CA TYR A 311 6.26 -7.69 -15.19
C TYR A 311 5.18 -7.14 -16.10
N GLU A 312 5.58 -6.64 -17.26
CA GLU A 312 4.61 -6.22 -18.28
C GLU A 312 4.13 -7.46 -18.99
N LYS A 313 3.01 -8.00 -18.52
CA LYS A 313 2.51 -9.28 -19.00
C LYS A 313 1.64 -9.14 -20.26
N THR A 314 1.06 -7.96 -20.47
CA THR A 314 0.10 -7.77 -21.57
C THR A 314 0.28 -6.41 -22.24
N PRO A 315 -0.17 -6.29 -23.50
CA PRO A 315 -0.20 -4.99 -24.17
C PRO A 315 -0.99 -3.94 -23.38
N GLN A 316 -2.06 -4.37 -22.73
CA GLN A 316 -2.85 -3.47 -21.89
C GLN A 316 -2.02 -2.91 -20.74
N MET A 317 -1.19 -3.74 -20.13
CA MET A 317 -0.32 -3.28 -19.06
C MET A 317 0.71 -2.27 -19.55
N LYS A 318 1.36 -2.56 -20.68
CA LYS A 318 2.32 -1.64 -21.28
C LYS A 318 1.69 -0.28 -21.51
N GLN A 319 0.49 -0.27 -22.06
CA GLN A 319 -0.24 0.97 -22.33
C GLN A 319 -0.50 1.80 -21.07
N ILE A 320 -0.87 1.15 -19.98
CA ILE A 320 -1.08 1.85 -18.73
C ILE A 320 0.24 2.42 -18.16
N VAL A 321 1.30 1.63 -18.18
CA VAL A 321 2.59 2.10 -17.69
C VAL A 321 3.02 3.34 -18.47
N ASP A 322 2.88 3.27 -19.79
CA ASP A 322 3.29 4.37 -20.64
C ASP A 322 2.44 5.62 -20.39
N GLU A 323 1.15 5.40 -20.15
CA GLU A 323 0.25 6.51 -19.83
C GLU A 323 0.67 7.16 -18.51
N ILE A 324 1.06 6.34 -17.54
CA ILE A 324 1.55 6.87 -16.27
C ILE A 324 2.86 7.66 -16.45
N GLU A 325 3.82 7.09 -17.16
CA GLU A 325 5.08 7.78 -17.44
C GLU A 325 4.87 9.12 -18.15
N ALA A 326 3.92 9.14 -19.06
CA ALA A 326 3.61 10.31 -19.88
C ALA A 326 2.85 11.39 -19.09
N THR A 327 2.42 11.04 -17.89
CA THR A 327 1.70 11.99 -17.05
C THR A 327 2.69 12.98 -16.43
N LYS A 328 2.64 14.21 -16.88
CA LYS A 328 3.50 15.24 -16.31
C LYS A 328 2.65 16.40 -15.86
CL CL B . -0.49 -8.81 5.83
CL CL C . 3.51 -3.96 4.40
C1 GOL D . -0.26 -2.07 4.50
O1 GOL D . -1.61 -2.06 4.08
C2 GOL D . 0.37 -0.73 4.16
O2 GOL D . -0.38 0.35 4.69
C3 GOL D . 1.79 -0.68 4.69
O3 GOL D . 2.36 0.49 4.19
#